data_4UNR
#
_entry.id   4UNR
#
_cell.length_a   75.508
_cell.length_b   75.508
_cell.length_c   71.447
_cell.angle_alpha   90.00
_cell.angle_beta   90.00
_cell.angle_gamma   120.00
#
_symmetry.space_group_name_H-M   'P 32'
#
loop_
_entity.id
_entity.type
_entity.pdbx_description
1 polymer 'Thymidylate kinase'
2 non-polymer 'MAGNESIUM ION'
3 non-polymer '4-[3-cyano-2-oxo-7-(1H-pyrazol-4-yl)-5,6-dihydro-1H-benzo[h]quinolin-4-yl]benzoic acid'
4 water water
#
_entity_poly.entity_id   1
_entity_poly.type   'polypeptide(L)'
_entity_poly.pdbx_seq_one_letter_code
;MLIAIEGVDGAGKRTLVEKLSGAFRAAGRSVATLAFPRYGQSVAADIAAEALHGEHGDLASSVYAMATLFALDRAGAVHT
IQGLCRGYDVVILDRYVASNAAYSAARLHENAAGKAAAWVQRIEFARLGLPKPDWQVLLAVSAELAGERSRGRAQRDPGR
ARDNYERDAELQQRTGAVYAELAAQGWGGRWLVVGADVDPGRLAATLAPP
;
_entity_poly.pdbx_strand_id   A,B
#
# COMPACT_ATOMS: atom_id res chain seq x y z
N MET A 1 -20.95 5.54 19.52
CA MET A 1 -21.51 4.99 18.29
C MET A 1 -20.69 5.40 17.06
N LEU A 2 -20.48 4.47 16.12
CA LEU A 2 -19.71 4.74 14.88
C LEU A 2 -20.60 4.64 13.65
N ILE A 3 -20.67 5.71 12.88
CA ILE A 3 -21.58 5.80 11.74
C ILE A 3 -20.79 6.16 10.50
N ALA A 4 -21.00 5.46 9.40
CA ALA A 4 -20.40 5.85 8.14
C ALA A 4 -21.46 6.34 7.20
N ILE A 5 -21.17 7.46 6.53
CA ILE A 5 -22.03 8.00 5.51
C ILE A 5 -21.42 7.61 4.18
N GLU A 6 -22.23 6.96 3.34
CA GLU A 6 -21.79 6.45 2.06
C GLU A 6 -22.65 6.98 0.92
N GLY A 7 -22.11 6.88 -0.30
CA GLY A 7 -22.83 7.23 -1.52
C GLY A 7 -21.88 7.59 -2.63
N VAL A 8 -22.40 7.77 -3.84
CA VAL A 8 -21.56 8.08 -5.00
C VAL A 8 -21.13 9.55 -5.02
N ASP A 9 -20.19 9.89 -5.90
CA ASP A 9 -19.53 11.19 -5.93
C ASP A 9 -20.51 12.24 -6.43
N GLY A 10 -20.78 13.21 -5.57
CA GLY A 10 -21.80 14.23 -5.82
C GLY A 10 -23.08 13.98 -5.05
N ALA A 11 -23.26 12.79 -4.47
CA ALA A 11 -24.48 12.53 -3.70
C ALA A 11 -24.80 13.64 -2.68
N GLY A 12 -23.76 14.30 -2.14
CA GLY A 12 -23.96 15.34 -1.11
C GLY A 12 -23.83 14.78 0.31
N LYS A 13 -22.84 13.91 0.47
CA LYS A 13 -22.54 13.26 1.75
C LYS A 13 -22.07 14.23 2.76
N ARG A 14 -21.21 15.16 2.36
CA ARG A 14 -20.68 16.10 3.33
C ARG A 14 -21.79 16.93 3.96
N THR A 15 -22.76 17.35 3.14
CA THR A 15 -23.91 18.14 3.64
C THR A 15 -24.69 17.30 4.67
N LEU A 16 -24.94 16.04 4.35
CA LEU A 16 -25.58 15.12 5.28
C LEU A 16 -24.79 14.93 6.58
N VAL A 17 -23.47 14.82 6.47
CA VAL A 17 -22.62 14.69 7.66
C VAL A 17 -22.82 15.90 8.57
N GLU A 18 -22.83 17.10 7.99
CA GLU A 18 -23.02 18.35 8.77
C GLU A 18 -24.42 18.44 9.39
N LYS A 19 -25.44 18.11 8.59
CA LYS A 19 -26.82 18.10 9.07
C LYS A 19 -26.94 17.13 10.26
N LEU A 20 -26.44 15.92 10.07
CA LEU A 20 -26.49 14.93 11.14
C LEU A 20 -25.71 15.37 12.35
N SER A 21 -24.56 15.99 12.14
CA SER A 21 -23.73 16.43 13.28
C SER A 21 -24.50 17.42 14.13
N GLY A 22 -25.14 18.39 13.48
CA GLY A 22 -25.99 19.34 14.18
C GLY A 22 -27.15 18.70 14.93
N ALA A 23 -27.77 17.69 14.32
CA ALA A 23 -28.92 16.99 14.92
C ALA A 23 -28.49 16.28 16.17
N PHE A 24 -27.36 15.57 16.11
CA PHE A 24 -26.85 14.86 17.27
C PHE A 24 -26.48 15.81 18.40
N ARG A 25 -25.86 16.94 18.06
CA ARG A 25 -25.48 17.91 19.08
C ARG A 25 -26.73 18.54 19.70
N ALA A 26 -27.74 18.83 18.90
CA ALA A 26 -29.01 19.33 19.44
C ALA A 26 -29.63 18.34 20.39
N ALA A 27 -29.40 17.04 20.17
CA ALA A 27 -29.88 15.99 21.08
C ALA A 27 -28.97 15.76 22.27
N GLY A 28 -27.95 16.60 22.44
CA GLY A 28 -27.09 16.52 23.63
C GLY A 28 -25.91 15.57 23.50
N ARG A 29 -25.58 15.19 22.26
CA ARG A 29 -24.51 14.21 22.00
C ARG A 29 -23.29 14.89 21.41
N SER A 30 -22.11 14.54 21.92
CA SER A 30 -20.87 15.05 21.35
C SER A 30 -20.61 14.31 20.04
N VAL A 31 -20.03 15.01 19.08
CA VAL A 31 -19.76 14.45 17.75
C VAL A 31 -18.36 14.81 17.28
N ALA A 32 -17.70 13.84 16.66
CA ALA A 32 -16.46 14.05 15.89
C ALA A 32 -16.63 13.42 14.51
N THR A 33 -16.01 14.03 13.50
CA THR A 33 -16.07 13.49 12.15
C THR A 33 -14.69 13.37 11.52
N LEU A 34 -14.62 12.51 10.53
CA LEU A 34 -13.39 12.19 9.79
C LEU A 34 -13.84 11.89 8.37
N ALA A 35 -13.07 12.28 7.36
CA ALA A 35 -13.45 12.01 5.93
C ALA A 35 -12.37 11.18 5.29
N PHE A 36 -12.76 10.17 4.51
CA PHE A 36 -11.82 9.42 3.66
C PHE A 36 -12.14 9.63 2.17
N PRO A 37 -11.12 9.48 1.31
CA PRO A 37 -9.72 9.19 1.64
C PRO A 37 -9.05 10.41 2.28
N ARG A 38 -7.98 10.19 3.03
CA ARG A 38 -7.29 11.30 3.71
C ARG A 38 -6.23 11.87 2.79
N TYR A 39 -6.70 12.51 1.72
CA TYR A 39 -5.82 13.12 0.78
C TYR A 39 -5.00 14.21 1.51
N GLY A 40 -3.69 14.24 1.24
CA GLY A 40 -2.77 15.21 1.85
C GLY A 40 -2.15 14.71 3.14
N GLN A 41 -2.60 13.57 3.66
CA GLN A 41 -2.11 12.98 4.91
C GLN A 41 -1.54 11.60 4.73
N SER A 42 -2.24 10.82 3.94
CA SER A 42 -1.94 9.44 3.70
C SER A 42 -1.28 9.38 2.34
N VAL A 43 -0.06 8.87 2.27
CA VAL A 43 0.61 8.71 1.00
C VAL A 43 -0.11 7.68 0.13
N ALA A 44 -0.66 6.63 0.72
CA ALA A 44 -1.34 5.58 -0.07
C ALA A 44 -2.56 6.19 -0.79
N ALA A 45 -3.33 6.98 -0.06
CA ALA A 45 -4.43 7.78 -0.60
C ALA A 45 -3.98 8.67 -1.77
N ASP A 46 -2.90 9.44 -1.56
CA ASP A 46 -2.42 10.36 -2.59
C ASP A 46 -1.99 9.64 -3.88
N ILE A 47 -1.25 8.55 -3.75
CA ILE A 47 -0.84 7.74 -4.89
C ILE A 47 -2.07 7.20 -5.66
N ALA A 48 -3.06 6.72 -4.93
CA ALA A 48 -4.32 6.24 -5.54
C ALA A 48 -5.02 7.34 -6.35
N ALA A 49 -5.14 8.53 -5.77
CA ALA A 49 -5.78 9.66 -6.46
C ALA A 49 -4.99 10.02 -7.70
N GLU A 50 -3.67 10.06 -7.53
CA GLU A 50 -2.80 10.35 -8.63
C GLU A 50 -2.96 9.31 -9.70
N ALA A 51 -3.07 8.04 -9.32
CA ALA A 51 -3.26 6.97 -10.30
C ALA A 51 -4.57 7.12 -11.08
N LEU A 52 -5.62 7.55 -10.41
CA LEU A 52 -6.88 7.83 -11.10
C LEU A 52 -6.75 8.96 -12.14
N HIS A 53 -5.77 9.85 -11.96
CA HIS A 53 -5.45 10.88 -12.95
C HIS A 53 -4.39 10.44 -13.96
N GLY A 54 -4.12 9.15 -14.08
CA GLY A 54 -3.19 8.64 -15.06
C GLY A 54 -1.72 8.54 -14.68
N GLU A 55 -1.35 8.94 -13.45
CA GLU A 55 0.04 8.79 -13.01
C GLU A 55 0.29 7.34 -12.60
N HIS A 56 1.56 7.04 -12.29
CA HIS A 56 1.96 5.75 -11.75
C HIS A 56 1.62 4.60 -12.68
N GLY A 57 1.85 4.82 -13.97
CA GLY A 57 1.84 3.73 -14.97
C GLY A 57 0.54 2.96 -15.10
N ASP A 58 0.61 1.63 -14.98
CA ASP A 58 -0.59 0.76 -15.07
C ASP A 58 -1.34 0.51 -13.70
N LEU A 59 -0.98 1.25 -12.67
CA LEU A 59 -1.59 1.05 -11.32
C LEU A 59 -3.14 1.05 -11.33
N ALA A 60 -3.73 2.06 -11.96
CA ALA A 60 -5.20 2.21 -11.95
C ALA A 60 -5.91 1.13 -12.76
N SER A 61 -5.14 0.32 -13.47
CA SER A 61 -5.71 -0.77 -14.24
C SER A 61 -6.06 -1.97 -13.37
N SER A 62 -5.59 -1.98 -12.12
CA SER A 62 -5.93 -3.04 -11.18
C SER A 62 -6.94 -2.54 -10.16
N VAL A 63 -8.11 -3.18 -10.14
CA VAL A 63 -9.14 -2.85 -9.18
C VAL A 63 -8.64 -3.17 -7.79
N TYR A 64 -8.02 -4.33 -7.62
CA TYR A 64 -7.59 -4.78 -6.31
C TYR A 64 -6.41 -3.97 -5.74
N ALA A 65 -5.57 -3.44 -6.61
CA ALA A 65 -4.46 -2.57 -6.21
C ALA A 65 -4.99 -1.24 -5.70
N MET A 66 -5.91 -0.63 -6.43
CA MET A 66 -6.58 0.58 -5.98
C MET A 66 -7.30 0.35 -4.67
N ALA A 67 -8.01 -0.77 -4.55
CA ALA A 67 -8.68 -1.11 -3.29
C ALA A 67 -7.68 -1.23 -2.14
N THR A 68 -6.51 -1.78 -2.42
CA THR A 68 -5.54 -2.01 -1.38
C THR A 68 -5.01 -0.69 -0.85
N LEU A 69 -4.77 0.26 -1.74
CA LEU A 69 -4.33 1.59 -1.35
C LEU A 69 -5.33 2.29 -0.47
N PHE A 70 -6.62 2.25 -0.83
CA PHE A 70 -7.58 2.95 0.00
C PHE A 70 -7.71 2.22 1.33
N ALA A 71 -7.59 0.89 1.34
CA ALA A 71 -7.59 0.13 2.59
C ALA A 71 -6.43 0.51 3.51
N LEU A 72 -5.24 0.67 2.95
CA LEU A 72 -4.07 1.07 3.74
C LEU A 72 -4.24 2.46 4.31
N ASP A 73 -4.90 3.34 3.57
CA ASP A 73 -5.22 4.67 4.09
C ASP A 73 -6.11 4.58 5.33
N ARG A 74 -7.25 3.93 5.19
CA ARG A 74 -8.15 3.75 6.34
C ARG A 74 -7.46 3.02 7.53
N ALA A 75 -6.65 1.98 7.24
CA ALA A 75 -5.99 1.21 8.30
C ALA A 75 -5.02 2.08 9.08
N GLY A 76 -4.44 3.05 8.40
CA GLY A 76 -3.54 4.01 9.04
C GLY A 76 -4.26 4.87 10.06
N ALA A 77 -5.58 5.03 9.90
CA ALA A 77 -6.37 5.82 10.82
C ALA A 77 -7.07 5.00 11.89
N VAL A 78 -6.77 3.69 11.97
CA VAL A 78 -7.49 2.81 12.88
C VAL A 78 -7.43 3.29 14.34
N HIS A 79 -6.27 3.78 14.77
CA HIS A 79 -6.15 4.24 16.15
C HIS A 79 -6.85 5.56 16.38
N THR A 80 -6.80 6.46 15.40
CA THR A 80 -7.55 7.70 15.44
C THR A 80 -9.05 7.40 15.59
N ILE A 81 -9.58 6.50 14.76
CA ILE A 81 -10.98 6.10 14.85
C ILE A 81 -11.37 5.58 16.24
N GLN A 82 -10.58 4.64 16.76
CA GLN A 82 -10.78 4.05 18.09
C GLN A 82 -10.66 5.13 19.16
N GLY A 83 -9.70 6.04 19.00
CA GLY A 83 -9.61 7.20 19.88
C GLY A 83 -10.89 8.01 19.92
N LEU A 84 -11.35 8.43 18.76
CA LEU A 84 -12.57 9.24 18.64
C LEU A 84 -13.80 8.53 19.21
N CYS A 85 -13.88 7.22 18.99
CA CYS A 85 -14.95 6.43 19.56
C CYS A 85 -14.95 6.44 21.09
N ARG A 86 -13.77 6.51 21.71
CA ARG A 86 -13.66 6.68 23.16
C ARG A 86 -14.03 8.09 23.59
N GLY A 87 -13.70 9.08 22.78
CA GLY A 87 -13.81 10.48 23.22
C GLY A 87 -15.12 11.18 22.94
N TYR A 88 -15.95 10.57 22.10
CA TYR A 88 -17.16 11.21 21.63
C TYR A 88 -18.34 10.26 21.69
N ASP A 89 -19.54 10.81 21.87
CA ASP A 89 -20.73 9.97 21.86
C ASP A 89 -20.97 9.37 20.47
N VAL A 90 -20.76 10.19 19.45
CA VAL A 90 -21.01 9.77 18.06
C VAL A 90 -19.82 10.15 17.19
N VAL A 91 -19.35 9.20 16.40
CA VAL A 91 -18.30 9.43 15.45
C VAL A 91 -18.87 9.20 14.05
N ILE A 92 -18.80 10.21 13.18
CA ILE A 92 -19.31 10.11 11.81
C ILE A 92 -18.16 10.14 10.79
N LEU A 93 -18.13 9.12 9.95
CA LEU A 93 -17.13 8.97 8.91
C LEU A 93 -17.75 9.27 7.55
N ASP A 94 -17.20 10.26 6.86
CA ASP A 94 -17.61 10.61 5.51
C ASP A 94 -16.81 9.68 4.57
N ARG A 95 -17.48 8.58 4.14
CA ARG A 95 -16.90 7.37 3.55
C ARG A 95 -16.16 6.48 4.52
N TYR A 96 -16.26 5.18 4.31
CA TYR A 96 -15.55 4.20 5.11
C TYR A 96 -15.35 2.95 4.25
N VAL A 97 -15.29 1.79 4.87
CA VAL A 97 -14.93 0.59 4.21
C VAL A 97 -15.89 0.21 3.05
N ALA A 98 -17.17 0.49 3.20
CA ALA A 98 -18.13 0.13 2.14
C ALA A 98 -17.88 0.85 0.81
N SER A 99 -17.26 2.02 0.86
CA SER A 99 -16.83 2.69 -0.35
C SER A 99 -15.95 1.74 -1.20
N ASN A 100 -15.06 1.01 -0.54
CA ASN A 100 -14.17 0.10 -1.27
C ASN A 100 -14.97 -1.08 -1.86
N ALA A 101 -15.89 -1.63 -1.09
CA ALA A 101 -16.72 -2.75 -1.54
C ALA A 101 -17.57 -2.35 -2.74
N ALA A 102 -18.23 -1.20 -2.69
CA ALA A 102 -19.12 -0.72 -3.77
C ALA A 102 -18.37 -0.34 -5.06
N TYR A 103 -17.28 0.43 -4.95
CA TYR A 103 -16.53 0.82 -6.13
C TYR A 103 -15.79 -0.37 -6.74
N SER A 104 -15.29 -1.28 -5.90
CA SER A 104 -14.58 -2.45 -6.38
C SER A 104 -15.55 -3.39 -7.13
N ALA A 105 -16.64 -3.77 -6.50
CA ALA A 105 -17.63 -4.65 -7.15
C ALA A 105 -18.19 -4.01 -8.43
N ALA A 106 -18.57 -2.74 -8.35
CA ALA A 106 -19.09 -2.05 -9.53
C ALA A 106 -18.06 -2.11 -10.67
N ARG A 107 -16.78 -1.87 -10.37
CA ARG A 107 -15.76 -1.93 -11.43
C ARG A 107 -15.56 -3.30 -12.03
N LEU A 108 -15.75 -4.35 -11.23
CA LEU A 108 -15.58 -5.73 -11.66
C LEU A 108 -16.87 -6.37 -12.17
N HIS A 109 -17.94 -5.58 -12.23
CA HIS A 109 -19.25 -6.06 -12.58
C HIS A 109 -19.64 -7.24 -11.70
N GLU A 110 -19.42 -7.11 -10.39
CA GLU A 110 -19.84 -8.12 -9.43
C GLU A 110 -20.95 -7.53 -8.58
N ASN A 111 -21.69 -8.41 -7.93
CA ASN A 111 -22.69 -7.97 -6.97
C ASN A 111 -22.11 -7.97 -5.55
N ALA A 112 -22.88 -7.45 -4.61
CA ALA A 112 -22.49 -7.37 -3.20
C ALA A 112 -22.23 -8.73 -2.57
N ALA A 113 -22.77 -9.81 -3.15
CA ALA A 113 -22.45 -11.17 -2.71
C ALA A 113 -21.17 -11.71 -3.38
N GLY A 114 -20.55 -10.91 -4.25
CA GLY A 114 -19.38 -11.37 -5.00
C GLY A 114 -18.07 -11.41 -4.24
N LYS A 115 -17.00 -11.70 -4.98
CA LYS A 115 -15.68 -11.95 -4.38
C LYS A 115 -15.03 -10.67 -3.82
N ALA A 116 -15.06 -9.58 -4.58
CA ALA A 116 -14.41 -8.33 -4.17
C ALA A 116 -15.00 -7.78 -2.88
N ALA A 117 -16.32 -7.78 -2.78
CA ALA A 117 -16.96 -7.26 -1.57
C ALA A 117 -16.60 -8.10 -0.34
N ALA A 118 -16.47 -9.42 -0.52
CA ALA A 118 -16.04 -10.30 0.57
C ALA A 118 -14.57 -10.06 0.95
N TRP A 119 -13.74 -9.90 -0.07
CA TRP A 119 -12.30 -9.60 0.09
C TRP A 119 -12.12 -8.33 0.89
N VAL A 120 -12.86 -7.28 0.55
CA VAL A 120 -12.78 -6.02 1.29
C VAL A 120 -13.05 -6.24 2.79
N GLN A 121 -14.07 -7.03 3.13
CA GLN A 121 -14.34 -7.32 4.55
C GLN A 121 -13.17 -8.02 5.21
N ARG A 122 -12.63 -9.06 4.55
CA ARG A 122 -11.51 -9.83 5.12
C ARG A 122 -10.28 -8.97 5.32
N ILE A 123 -9.98 -8.12 4.34
CA ILE A 123 -8.78 -7.32 4.44
C ILE A 123 -8.96 -6.18 5.46
N GLU A 124 -10.04 -5.43 5.36
CA GLU A 124 -10.16 -4.19 6.15
C GLU A 124 -10.62 -4.45 7.57
N PHE A 125 -11.70 -5.21 7.71
CA PHE A 125 -12.24 -5.49 9.03
C PHE A 125 -11.44 -6.57 9.78
N ALA A 126 -11.21 -7.71 9.14
CA ALA A 126 -10.57 -8.83 9.83
C ALA A 126 -9.05 -8.64 9.92
N ARG A 127 -8.38 -8.56 8.78
CA ARG A 127 -6.92 -8.42 8.71
C ARG A 127 -6.36 -7.10 9.29
N LEU A 128 -6.84 -5.98 8.76
CA LEU A 128 -6.34 -4.66 9.17
C LEU A 128 -7.00 -4.14 10.45
N GLY A 129 -8.04 -4.83 10.93
CA GLY A 129 -8.58 -4.55 12.27
C GLY A 129 -9.44 -3.30 12.36
N LEU A 130 -9.92 -2.79 11.23
CA LEU A 130 -10.81 -1.62 11.29
C LEU A 130 -12.15 -2.00 11.96
N PRO A 131 -12.67 -1.13 12.84
CA PRO A 131 -13.91 -1.50 13.50
C PRO A 131 -15.12 -1.43 12.54
N LYS A 132 -16.04 -2.37 12.69
CA LYS A 132 -17.27 -2.34 11.91
C LYS A 132 -18.12 -1.18 12.39
N PRO A 133 -18.73 -0.45 11.48
CA PRO A 133 -19.61 0.64 11.91
C PRO A 133 -20.92 0.12 12.48
N ASP A 134 -21.45 0.82 13.49
CA ASP A 134 -22.76 0.50 14.06
C ASP A 134 -23.83 0.71 13.01
N TRP A 135 -23.68 1.76 12.21
CA TRP A 135 -24.64 2.05 11.14
C TRP A 135 -23.90 2.53 9.90
N GLN A 136 -24.40 2.16 8.74
CA GLN A 136 -23.91 2.66 7.47
C GLN A 136 -25.10 3.33 6.77
N VAL A 137 -25.01 4.62 6.49
CA VAL A 137 -26.06 5.37 5.88
C VAL A 137 -25.72 5.70 4.45
N LEU A 138 -26.48 5.09 3.55
CA LEU A 138 -26.38 5.37 2.13
C LEU A 138 -27.23 6.55 1.72
N LEU A 139 -26.58 7.59 1.23
CA LEU A 139 -27.28 8.72 0.62
C LEU A 139 -27.44 8.38 -0.85
N ALA A 140 -28.68 8.11 -1.27
CA ALA A 140 -28.98 7.70 -2.64
C ALA A 140 -29.78 8.80 -3.33
N VAL A 141 -29.16 9.43 -4.32
CA VAL A 141 -29.80 10.50 -5.07
C VAL A 141 -29.90 10.16 -6.57
N SER A 142 -30.82 10.84 -7.26
CA SER A 142 -31.04 10.61 -8.70
C SER A 142 -29.77 10.82 -9.50
N ALA A 143 -29.09 11.92 -9.24
CA ALA A 143 -27.81 12.20 -9.87
C ALA A 143 -26.98 13.15 -9.00
N GLU A 144 -25.67 13.01 -9.13
CA GLU A 144 -24.73 13.93 -8.54
C GLU A 144 -24.74 15.20 -9.34
N ASP A 168 -17.21 9.14 -14.88
CA ASP A 168 -17.83 8.08 -15.68
C ASP A 168 -19.22 7.72 -15.14
N ALA A 169 -20.25 8.07 -15.90
CA ALA A 169 -21.66 8.02 -15.46
C ALA A 169 -22.21 6.60 -15.28
N GLU A 170 -21.90 5.72 -16.25
CA GLU A 170 -22.35 4.32 -16.20
C GLU A 170 -21.82 3.63 -14.94
N LEU A 171 -20.54 3.81 -14.67
CA LEU A 171 -19.88 3.32 -13.47
C LEU A 171 -20.42 3.94 -12.18
N GLN A 172 -20.61 5.27 -12.18
CA GLN A 172 -21.14 5.94 -11.00
C GLN A 172 -22.56 5.40 -10.69
N GLN A 173 -23.39 5.21 -11.74
CA GLN A 173 -24.74 4.66 -11.56
C GLN A 173 -24.70 3.20 -11.07
N ARG A 174 -23.82 2.38 -11.65
N ARG A 174 -23.82 2.40 -11.67
CA ARG A 174 -23.67 0.99 -11.20
CA ARG A 174 -23.62 1.01 -11.25
C ARG A 174 -23.15 0.94 -9.76
C ARG A 174 -23.13 0.93 -9.78
N THR A 175 -22.22 1.81 -9.41
CA THR A 175 -21.74 1.87 -8.01
C THR A 175 -22.89 2.24 -7.05
N GLY A 176 -23.69 3.22 -7.43
CA GLY A 176 -24.90 3.56 -6.65
C GLY A 176 -25.80 2.33 -6.40
N ALA A 177 -25.96 1.50 -7.42
CA ALA A 177 -26.79 0.30 -7.30
C ALA A 177 -26.17 -0.77 -6.40
N VAL A 178 -24.86 -0.97 -6.52
CA VAL A 178 -24.17 -1.95 -5.66
C VAL A 178 -24.24 -1.49 -4.22
N TYR A 179 -24.08 -0.19 -4.00
CA TYR A 179 -24.27 0.38 -2.68
C TYR A 179 -25.65 -0.01 -2.11
N ALA A 180 -26.70 0.11 -2.90
CA ALA A 180 -28.04 -0.26 -2.45
C ALA A 180 -28.11 -1.76 -2.15
N GLU A 181 -27.40 -2.55 -2.93
CA GLU A 181 -27.35 -3.95 -2.65
C GLU A 181 -26.63 -4.23 -1.31
N LEU A 182 -25.56 -3.50 -1.02
CA LEU A 182 -24.85 -3.69 0.24
C LEU A 182 -25.82 -3.37 1.39
N ALA A 183 -26.60 -2.30 1.23
CA ALA A 183 -27.57 -1.90 2.24
C ALA A 183 -28.65 -2.99 2.45
N ALA A 184 -29.11 -3.55 1.35
CA ALA A 184 -30.15 -4.59 1.36
C ALA A 184 -29.66 -5.88 2.02
N GLN A 185 -28.38 -6.18 1.86
CA GLN A 185 -27.81 -7.39 2.42
C GLN A 185 -27.29 -7.23 3.85
N GLY A 186 -27.26 -5.99 4.36
CA GLY A 186 -26.62 -5.69 5.64
C GLY A 186 -25.11 -5.93 5.68
N TRP A 187 -24.43 -5.57 4.60
CA TRP A 187 -23.01 -5.81 4.45
C TRP A 187 -22.25 -5.03 5.54
N GLY A 188 -21.52 -5.77 6.36
CA GLY A 188 -20.74 -5.18 7.45
C GLY A 188 -21.53 -4.72 8.65
N GLY A 189 -22.85 -4.85 8.61
CA GLY A 189 -23.71 -4.36 9.68
C GLY A 189 -24.98 -3.71 9.14
N ARG A 190 -25.70 -3.04 10.03
CA ARG A 190 -26.97 -2.43 9.69
C ARG A 190 -26.79 -1.18 8.86
N TRP A 191 -27.73 -0.97 7.95
CA TRP A 191 -27.72 0.21 7.10
C TRP A 191 -29.04 0.91 7.18
N LEU A 192 -29.04 2.16 6.72
CA LEU A 192 -30.26 2.87 6.33
C LEU A 192 -30.01 3.50 4.97
N VAL A 193 -31.02 3.57 4.10
CA VAL A 193 -30.91 4.28 2.85
C VAL A 193 -31.74 5.53 2.97
N VAL A 194 -31.15 6.67 2.67
CA VAL A 194 -31.84 7.96 2.79
C VAL A 194 -31.71 8.75 1.51
N GLY A 195 -32.60 9.71 1.33
CA GLY A 195 -32.58 10.60 0.18
C GLY A 195 -32.10 12.01 0.50
N ALA A 196 -32.03 12.83 -0.53
CA ALA A 196 -31.51 14.21 -0.43
C ALA A 196 -32.17 15.07 0.65
N ASP A 197 -33.46 14.88 0.88
CA ASP A 197 -34.23 15.74 1.77
C ASP A 197 -34.59 15.05 3.07
N VAL A 198 -33.78 14.07 3.49
CA VAL A 198 -34.07 13.35 4.72
C VAL A 198 -34.01 14.32 5.89
N ASP A 199 -34.91 14.13 6.85
CA ASP A 199 -34.92 15.00 8.03
C ASP A 199 -33.83 14.54 8.99
N PRO A 200 -32.83 15.40 9.25
CA PRO A 200 -31.71 14.95 10.07
C PRO A 200 -32.06 14.73 11.54
N GLY A 201 -33.06 15.47 12.02
CA GLY A 201 -33.55 15.27 13.38
C GLY A 201 -34.13 13.87 13.52
N ARG A 202 -34.91 13.45 12.51
CA ARG A 202 -35.53 12.13 12.57
C ARG A 202 -34.49 11.06 12.41
N LEU A 203 -33.55 11.28 11.48
CA LEU A 203 -32.52 10.31 11.21
C LEU A 203 -31.65 10.10 12.46
N ALA A 204 -31.28 11.19 13.15
CA ALA A 204 -30.46 11.07 14.38
C ALA A 204 -31.14 10.24 15.48
N ALA A 205 -32.45 10.42 15.66
CA ALA A 205 -33.22 9.66 16.65
C ALA A 205 -33.27 8.18 16.27
N THR A 206 -33.33 7.89 14.97
CA THR A 206 -33.27 6.52 14.50
C THR A 206 -31.91 5.90 14.77
N LEU A 207 -30.83 6.65 14.52
CA LEU A 207 -29.48 6.11 14.68
C LEU A 207 -29.04 5.99 16.14
N ALA A 208 -29.51 6.88 17.01
CA ALA A 208 -29.18 6.93 18.44
C ALA A 208 -29.71 5.73 19.21
N PRO A 209 -28.87 5.11 20.07
CA PRO A 209 -29.30 3.90 20.79
C PRO A 209 -30.32 4.18 21.89
N MET B 1 27.62 3.32 7.62
CA MET B 1 27.58 2.94 6.19
C MET B 1 26.37 2.07 5.93
N LEU B 2 25.63 2.39 4.85
CA LEU B 2 24.44 1.62 4.42
C LEU B 2 24.75 0.87 3.10
N ILE B 3 24.64 -0.46 3.16
CA ILE B 3 24.96 -1.34 2.04
C ILE B 3 23.72 -2.15 1.70
N ALA B 4 23.40 -2.23 0.40
CA ALA B 4 22.32 -3.12 -0.11
C ALA B 4 22.88 -4.22 -0.98
N ILE B 5 22.48 -5.47 -0.71
CA ILE B 5 22.86 -6.62 -1.53
C ILE B 5 21.68 -6.91 -2.43
N GLU B 6 21.97 -7.01 -3.72
CA GLU B 6 20.96 -7.15 -4.74
C GLU B 6 21.30 -8.33 -5.62
N GLY B 7 20.29 -8.87 -6.29
CA GLY B 7 20.46 -9.99 -7.18
C GLY B 7 19.14 -10.73 -7.42
N VAL B 8 19.16 -11.62 -8.40
CA VAL B 8 17.95 -12.34 -8.83
C VAL B 8 17.70 -13.53 -7.92
N ASP B 9 16.58 -14.20 -8.12
CA ASP B 9 16.24 -15.35 -7.29
C ASP B 9 17.23 -16.48 -7.54
N GLY B 10 17.89 -16.94 -6.48
CA GLY B 10 18.87 -18.03 -6.57
C GLY B 10 20.30 -17.54 -6.61
N ALA B 11 20.49 -16.22 -6.62
CA ALA B 11 21.83 -15.63 -6.55
C ALA B 11 22.60 -16.07 -5.29
N GLY B 12 21.89 -16.29 -4.18
CA GLY B 12 22.53 -16.66 -2.91
C GLY B 12 22.96 -15.45 -2.11
N LYS B 13 22.08 -14.45 -2.05
CA LYS B 13 22.32 -13.18 -1.32
C LYS B 13 22.47 -13.35 0.18
N ARG B 14 21.66 -14.23 0.77
CA ARG B 14 21.67 -14.45 2.22
C ARG B 14 23.05 -14.97 2.66
N THR B 15 23.56 -15.97 1.95
CA THR B 15 24.94 -16.45 2.18
C THR B 15 25.93 -15.27 2.15
N LEU B 16 25.88 -14.44 1.12
CA LEU B 16 26.78 -13.29 1.01
C LEU B 16 26.63 -12.33 2.20
N VAL B 17 25.39 -12.06 2.59
CA VAL B 17 25.12 -11.17 3.72
C VAL B 17 25.78 -11.71 4.99
N GLU B 18 25.60 -13.00 5.24
CA GLU B 18 26.24 -13.69 6.36
C GLU B 18 27.75 -13.56 6.35
N LYS B 19 28.34 -13.90 5.22
CA LYS B 19 29.79 -13.85 5.07
C LYS B 19 30.32 -12.44 5.25
N LEU B 20 29.63 -11.46 4.63
CA LEU B 20 30.05 -10.08 4.70
C LEU B 20 29.96 -9.54 6.14
N SER B 21 28.94 -9.97 6.86
CA SER B 21 28.73 -9.56 8.27
C SER B 21 29.85 -10.08 9.15
N GLY B 22 30.19 -11.35 8.98
CA GLY B 22 31.34 -11.95 9.65
C GLY B 22 32.63 -11.18 9.39
N ALA B 23 32.86 -10.80 8.14
CA ALA B 23 34.08 -10.08 7.76
C ALA B 23 34.16 -8.70 8.41
N PHE B 24 33.05 -7.97 8.43
CA PHE B 24 33.01 -6.66 9.10
C PHE B 24 33.24 -6.78 10.61
N ARG B 25 32.54 -7.72 11.25
CA ARG B 25 32.71 -8.01 12.69
C ARG B 25 34.16 -8.37 13.06
N ALA B 26 34.82 -9.15 12.21
CA ALA B 26 36.23 -9.49 12.41
C ALA B 26 37.15 -8.26 12.26
N ALA B 27 36.70 -7.23 11.53
CA ALA B 27 37.47 -5.99 11.38
C ALA B 27 37.14 -4.95 12.46
N GLY B 28 36.34 -5.32 13.44
CA GLY B 28 36.00 -4.41 14.56
C GLY B 28 34.80 -3.50 14.31
N ARG B 29 34.00 -3.82 13.29
CA ARG B 29 32.82 -3.02 12.96
C ARG B 29 31.54 -3.74 13.41
N SER B 30 30.63 -3.00 14.05
CA SER B 30 29.32 -3.53 14.41
C SER B 30 28.46 -3.59 13.17
N VAL B 31 27.61 -4.61 13.08
CA VAL B 31 26.80 -4.86 11.88
C VAL B 31 25.38 -5.24 12.24
N ALA B 32 24.42 -4.58 11.60
CA ALA B 32 23.01 -4.94 11.66
C ALA B 32 22.50 -5.21 10.25
N THR B 33 21.70 -6.25 10.11
CA THR B 33 21.14 -6.64 8.82
C THR B 33 19.63 -6.56 8.91
N LEU B 34 18.99 -6.41 7.75
CA LEU B 34 17.54 -6.37 7.61
C LEU B 34 17.21 -6.91 6.22
N ALA B 35 16.17 -7.72 6.11
CA ALA B 35 15.82 -8.32 4.82
C ALA B 35 14.50 -7.76 4.32
N PHE B 36 14.48 -7.34 3.06
CA PHE B 36 13.23 -6.99 2.36
C PHE B 36 12.87 -8.04 1.33
N PRO B 37 11.57 -8.18 1.03
CA PRO B 37 10.45 -7.52 1.73
C PRO B 37 10.35 -8.02 3.18
N ARG B 38 9.74 -7.23 4.06
CA ARG B 38 9.65 -7.60 5.47
C ARG B 38 8.43 -8.46 5.73
N TYR B 39 8.43 -9.65 5.13
CA TYR B 39 7.32 -10.59 5.27
C TYR B 39 7.06 -10.84 6.76
N GLY B 40 5.80 -10.90 7.14
CA GLY B 40 5.42 -11.10 8.55
C GLY B 40 5.52 -9.87 9.45
N GLN B 41 6.11 -8.79 8.95
CA GLN B 41 6.19 -7.54 9.71
C GLN B 41 5.43 -6.41 9.02
N SER B 42 5.19 -6.55 7.72
CA SER B 42 4.56 -5.50 6.92
C SER B 42 3.39 -6.09 6.15
N VAL B 43 2.21 -5.49 6.33
N VAL B 43 2.21 -5.49 6.30
CA VAL B 43 1.00 -5.90 5.65
CA VAL B 43 1.02 -5.99 5.62
C VAL B 43 1.14 -5.80 4.13
C VAL B 43 1.10 -5.79 4.11
N ALA B 44 1.70 -4.67 3.68
CA ALA B 44 1.90 -4.41 2.26
C ALA B 44 2.79 -5.49 1.62
N ALA B 45 3.88 -5.83 2.32
CA ALA B 45 4.78 -6.90 1.88
C ALA B 45 4.07 -8.25 1.80
N ASP B 46 3.28 -8.61 2.81
CA ASP B 46 2.56 -9.89 2.79
C ASP B 46 1.51 -9.89 1.65
N ILE B 47 0.83 -8.79 1.42
CA ILE B 47 -0.19 -8.78 0.35
C ILE B 47 0.45 -8.98 -1.00
N ALA B 48 1.59 -8.31 -1.24
CA ALA B 48 2.31 -8.45 -2.50
C ALA B 48 2.67 -9.91 -2.75
N ALA B 49 3.26 -10.57 -1.74
CA ALA B 49 3.69 -11.97 -1.90
C ALA B 49 2.49 -12.86 -2.18
N GLU B 50 1.44 -12.72 -1.38
CA GLU B 50 0.22 -13.50 -1.58
C GLU B 50 -0.34 -13.29 -3.01
N ALA B 51 -0.25 -12.08 -3.51
CA ALA B 51 -0.72 -11.77 -4.86
C ALA B 51 0.10 -12.49 -5.93
N LEU B 52 1.40 -12.68 -5.66
CA LEU B 52 2.27 -13.40 -6.60
C LEU B 52 1.87 -14.86 -6.66
N HIS B 53 1.43 -15.41 -5.53
CA HIS B 53 0.92 -16.78 -5.47
C HIS B 53 -0.50 -16.90 -6.02
N GLY B 54 -1.14 -15.78 -6.35
CA GLY B 54 -2.47 -15.81 -6.98
C GLY B 54 -3.63 -15.26 -6.14
N GLU B 55 -3.35 -14.70 -4.96
CA GLU B 55 -4.41 -14.11 -4.12
C GLU B 55 -4.71 -12.67 -4.57
N HIS B 56 -5.72 -12.07 -3.95
CA HIS B 56 -6.03 -10.66 -4.13
C HIS B 56 -6.35 -10.32 -5.59
N GLY B 57 -7.20 -11.16 -6.19
CA GLY B 57 -7.72 -10.97 -7.56
C GLY B 57 -6.73 -10.52 -8.62
N ASP B 58 -6.97 -9.33 -9.20
CA ASP B 58 -6.15 -8.81 -10.32
C ASP B 58 -4.89 -8.02 -9.92
N LEU B 59 -4.58 -8.00 -8.63
CA LEU B 59 -3.48 -7.16 -8.13
C LEU B 59 -2.15 -7.43 -8.81
N ALA B 60 -1.78 -8.70 -8.96
CA ALA B 60 -0.53 -9.09 -9.63
C ALA B 60 -0.51 -8.76 -11.14
N SER B 61 -1.64 -8.39 -11.72
CA SER B 61 -1.67 -8.02 -13.15
C SER B 61 -1.09 -6.61 -13.44
N SER B 62 -0.82 -5.84 -12.38
CA SER B 62 -0.30 -4.47 -12.53
C SER B 62 1.12 -4.38 -11.96
N VAL B 63 2.08 -4.08 -12.83
CA VAL B 63 3.49 -4.01 -12.42
C VAL B 63 3.73 -2.85 -11.44
N TYR B 64 3.13 -1.69 -11.71
CA TYR B 64 3.25 -0.54 -10.82
C TYR B 64 2.52 -0.74 -9.47
N ALA B 65 1.41 -1.47 -9.47
CA ALA B 65 0.71 -1.79 -8.23
C ALA B 65 1.60 -2.65 -7.36
N MET B 66 2.25 -3.63 -8.00
CA MET B 66 3.11 -4.54 -7.28
C MET B 66 4.34 -3.81 -6.76
N ALA B 67 4.91 -2.95 -7.59
CA ALA B 67 6.00 -2.06 -7.19
C ALA B 67 5.57 -1.12 -6.07
N THR B 68 4.34 -0.64 -6.09
CA THR B 68 3.88 0.32 -5.05
C THR B 68 3.84 -0.36 -3.69
N LEU B 69 3.38 -1.60 -3.67
CA LEU B 69 3.33 -2.34 -2.39
C LEU B 69 4.70 -2.55 -1.82
N PHE B 70 5.65 -3.01 -2.64
CA PHE B 70 6.97 -3.22 -2.10
C PHE B 70 7.61 -1.91 -1.68
N ALA B 71 7.34 -0.82 -2.41
CA ALA B 71 7.83 0.49 -2.00
C ALA B 71 7.24 0.92 -0.66
N LEU B 72 5.96 0.62 -0.45
CA LEU B 72 5.26 1.01 0.81
C LEU B 72 5.83 0.22 2.00
N ASP B 73 6.18 -1.04 1.76
CA ASP B 73 6.86 -1.83 2.79
C ASP B 73 8.17 -1.14 3.20
N ARG B 74 9.02 -0.88 2.23
CA ARG B 74 10.28 -0.24 2.55
C ARG B 74 10.09 1.13 3.22
N ALA B 75 9.11 1.89 2.73
CA ALA B 75 8.82 3.21 3.30
C ALA B 75 8.35 3.12 4.76
N GLY B 76 7.68 2.04 5.12
CA GLY B 76 7.31 1.77 6.52
C GLY B 76 8.52 1.43 7.40
N ALA B 77 9.67 1.16 6.78
CA ALA B 77 10.90 0.85 7.51
C ALA B 77 11.87 2.03 7.56
N VAL B 78 11.46 3.18 7.02
CA VAL B 78 12.40 4.28 6.85
C VAL B 78 13.10 4.65 8.17
N HIS B 79 12.33 4.78 9.25
CA HIS B 79 12.88 5.22 10.52
C HIS B 79 13.77 4.15 11.11
N THR B 80 13.32 2.90 11.06
CA THR B 80 14.13 1.78 11.47
C THR B 80 15.51 1.86 10.80
N ILE B 81 15.51 1.95 9.47
CA ILE B 81 16.76 1.99 8.72
C ILE B 81 17.65 3.13 9.19
N GLN B 82 17.08 4.32 9.31
CA GLN B 82 17.87 5.48 9.76
C GLN B 82 18.35 5.28 11.20
N GLY B 83 17.59 4.52 11.98
CA GLY B 83 17.93 4.18 13.35
C GLY B 83 19.08 3.19 13.42
N LEU B 84 19.01 2.14 12.61
CA LEU B 84 20.10 1.17 12.55
C LEU B 84 21.41 1.83 12.10
N CYS B 85 21.33 2.77 11.16
CA CYS B 85 22.52 3.49 10.67
C CYS B 85 23.20 4.38 11.72
N ARG B 86 22.40 4.96 12.61
CA ARG B 86 22.93 5.77 13.69
C ARG B 86 23.62 4.90 14.74
N GLY B 87 22.99 3.79 15.10
CA GLY B 87 23.50 2.93 16.14
C GLY B 87 24.68 2.05 15.76
N TYR B 88 24.69 1.60 14.50
CA TYR B 88 25.66 0.61 14.02
C TYR B 88 26.64 1.22 13.01
N ASP B 89 27.81 0.59 12.90
CA ASP B 89 28.83 1.03 11.95
C ASP B 89 28.42 0.75 10.53
N VAL B 90 27.84 -0.43 10.32
CA VAL B 90 27.49 -0.90 8.99
C VAL B 90 26.11 -1.50 9.05
N VAL B 91 25.29 -1.17 8.07
CA VAL B 91 23.94 -1.70 7.98
C VAL B 91 23.85 -2.35 6.60
N ILE B 92 23.61 -3.64 6.60
CA ILE B 92 23.53 -4.41 5.37
C ILE B 92 22.08 -4.82 5.15
N LEU B 93 21.50 -4.33 4.05
CA LEU B 93 20.15 -4.69 3.63
C LEU B 93 20.18 -5.81 2.61
N ASP B 94 19.43 -6.87 2.88
CA ASP B 94 19.27 -7.95 1.91
C ASP B 94 18.06 -7.58 1.05
N ARG B 95 18.34 -7.04 -0.13
CA ARG B 95 17.37 -6.36 -1.03
C ARG B 95 17.03 -4.96 -0.55
N TYR B 96 16.93 -4.05 -1.50
CA TYR B 96 16.48 -2.68 -1.22
C TYR B 96 15.78 -2.14 -2.47
N VAL B 97 15.90 -0.84 -2.74
CA VAL B 97 15.06 -0.16 -3.73
C VAL B 97 15.37 -0.64 -5.16
N ALA B 98 16.64 -0.98 -5.39
CA ALA B 98 17.03 -1.48 -6.73
C ALA B 98 16.26 -2.73 -7.14
N SER B 99 15.87 -3.57 -6.17
CA SER B 99 15.10 -4.77 -6.50
C SER B 99 13.84 -4.31 -7.25
N ASN B 100 13.23 -3.22 -6.81
CA ASN B 100 11.99 -2.75 -7.44
C ASN B 100 12.22 -2.25 -8.87
N ALA B 101 13.31 -1.51 -9.10
CA ALA B 101 13.60 -1.03 -10.42
C ALA B 101 13.90 -2.18 -11.39
N ALA B 102 14.75 -3.11 -10.97
CA ALA B 102 15.15 -4.22 -11.84
C ALA B 102 13.96 -5.11 -12.18
N TYR B 103 13.20 -5.51 -11.16
CA TYR B 103 12.05 -6.39 -11.41
C TYR B 103 10.91 -5.70 -12.15
N SER B 104 10.65 -4.42 -11.85
CA SER B 104 9.59 -3.65 -12.54
C SER B 104 9.97 -3.41 -14.01
N ALA B 105 11.20 -2.96 -14.25
CA ALA B 105 11.70 -2.86 -15.65
C ALA B 105 11.60 -4.19 -16.38
N ALA B 106 12.12 -5.25 -15.78
CA ALA B 106 12.13 -6.58 -16.41
C ALA B 106 10.73 -7.06 -16.78
N ARG B 107 9.82 -6.98 -15.82
CA ARG B 107 8.42 -7.33 -16.04
C ARG B 107 7.81 -6.59 -17.23
N LEU B 108 8.22 -5.34 -17.40
CA LEU B 108 7.74 -4.52 -18.49
C LEU B 108 8.60 -4.64 -19.76
N HIS B 109 9.61 -5.51 -19.76
CA HIS B 109 10.54 -5.61 -20.89
C HIS B 109 11.17 -4.24 -21.21
N GLU B 110 11.46 -3.47 -20.17
CA GLU B 110 12.18 -2.21 -20.32
C GLU B 110 13.61 -2.44 -19.86
N ASN B 111 14.48 -1.50 -20.17
CA ASN B 111 15.83 -1.54 -19.68
C ASN B 111 15.96 -0.49 -18.57
N ALA B 112 17.17 -0.30 -18.08
CA ALA B 112 17.42 0.60 -16.96
C ALA B 112 17.18 2.08 -17.26
N ALA B 113 17.15 2.46 -18.54
CA ALA B 113 16.83 3.85 -18.92
C ALA B 113 15.34 4.06 -19.13
N GLY B 114 14.54 3.02 -18.88
CA GLY B 114 13.10 3.08 -19.07
C GLY B 114 12.35 3.84 -17.97
N LYS B 115 11.03 3.93 -18.17
CA LYS B 115 10.15 4.71 -17.32
C LYS B 115 10.00 4.14 -15.92
N ALA B 116 9.88 2.80 -15.82
CA ALA B 116 9.68 2.15 -14.52
C ALA B 116 10.88 2.32 -13.55
N ALA B 117 12.11 2.20 -14.06
CA ALA B 117 13.31 2.41 -13.23
C ALA B 117 13.39 3.86 -12.70
N ALA B 118 13.05 4.83 -13.55
CA ALA B 118 13.03 6.25 -13.12
C ALA B 118 11.90 6.53 -12.10
N TRP B 119 10.75 5.91 -12.32
CA TRP B 119 9.60 6.05 -11.38
C TRP B 119 9.97 5.53 -9.98
N VAL B 120 10.49 4.32 -9.92
CA VAL B 120 10.98 3.77 -8.65
C VAL B 120 11.92 4.76 -7.94
N GLN B 121 12.91 5.27 -8.65
CA GLN B 121 13.86 6.21 -8.04
C GLN B 121 13.14 7.41 -7.43
N ARG B 122 12.22 8.02 -8.20
CA ARG B 122 11.44 9.19 -7.76
C ARG B 122 10.52 8.86 -6.58
N ILE B 123 9.79 7.76 -6.66
CA ILE B 123 8.83 7.43 -5.60
C ILE B 123 9.52 6.99 -4.31
N GLU B 124 10.54 6.15 -4.40
CA GLU B 124 11.15 5.62 -3.16
C GLU B 124 12.11 6.58 -2.50
N PHE B 125 13.12 7.04 -3.26
CA PHE B 125 14.13 7.93 -2.70
C PHE B 125 13.61 9.38 -2.51
N ALA B 126 12.94 9.96 -3.50
CA ALA B 126 12.52 11.35 -3.41
C ALA B 126 11.26 11.47 -2.57
N ARG B 127 10.17 10.89 -3.03
CA ARG B 127 8.89 11.05 -2.36
C ARG B 127 8.79 10.41 -0.97
N LEU B 128 9.15 9.13 -0.89
CA LEU B 128 9.01 8.35 0.35
C LEU B 128 10.19 8.54 1.27
N GLY B 129 11.26 9.16 0.78
CA GLY B 129 12.36 9.61 1.64
C GLY B 129 13.28 8.49 2.10
N LEU B 130 13.24 7.36 1.42
CA LEU B 130 14.20 6.26 1.70
C LEU B 130 15.62 6.71 1.46
N PRO B 131 16.53 6.42 2.40
CA PRO B 131 17.90 6.89 2.22
C PRO B 131 18.62 6.13 1.11
N LYS B 132 19.41 6.84 0.32
CA LYS B 132 20.21 6.20 -0.72
C LYS B 132 21.33 5.39 -0.07
N PRO B 133 21.54 4.14 -0.53
CA PRO B 133 22.61 3.36 0.06
C PRO B 133 24.00 3.86 -0.35
N ASP B 134 24.97 3.74 0.55
CA ASP B 134 26.33 4.13 0.23
C ASP B 134 26.89 3.17 -0.82
N TRP B 135 26.48 1.92 -0.73
CA TRP B 135 26.93 0.90 -1.67
C TRP B 135 25.77 -0.04 -2.04
N GLN B 136 25.69 -0.39 -3.31
CA GLN B 136 24.80 -1.45 -3.77
C GLN B 136 25.66 -2.54 -4.37
N VAL B 137 25.57 -3.73 -3.80
CA VAL B 137 26.40 -4.83 -4.25
C VAL B 137 25.55 -5.81 -5.02
N LEU B 138 25.85 -5.97 -6.31
CA LEU B 138 25.12 -6.88 -7.17
C LEU B 138 25.80 -8.24 -7.14
N LEU B 139 25.14 -9.24 -6.58
CA LEU B 139 25.60 -10.63 -6.71
C LEU B 139 25.12 -11.15 -8.08
N ALA B 140 26.01 -11.09 -9.08
CA ALA B 140 25.63 -11.34 -10.47
C ALA B 140 25.68 -12.84 -10.82
N VAL B 141 24.74 -13.27 -11.63
CA VAL B 141 24.71 -14.63 -12.20
C VAL B 141 24.43 -14.57 -13.70
N SER B 142 24.72 -15.66 -14.42
CA SER B 142 24.45 -15.68 -15.84
C SER B 142 22.99 -16.02 -16.08
N ALA B 143 22.55 -15.81 -17.32
CA ALA B 143 21.25 -16.27 -17.78
C ALA B 143 21.15 -17.78 -17.59
N GLU B 144 22.30 -18.46 -17.63
CA GLU B 144 22.39 -19.91 -17.43
C GLU B 144 22.00 -20.37 -16.02
N LEU B 145 22.07 -19.47 -15.04
CA LEU B 145 21.67 -19.75 -13.65
C LEU B 145 20.64 -18.75 -13.08
N ALA B 146 20.04 -17.92 -13.95
CA ALA B 146 19.04 -16.92 -13.55
C ALA B 146 17.63 -17.49 -13.65
C ARG B 167 10.12 -17.72 -11.74
N ASP B 168 9.57 -17.28 -12.88
CA ASP B 168 9.91 -17.91 -14.17
C ASP B 168 11.28 -17.48 -14.67
N ALA B 169 11.92 -18.38 -15.40
CA ALA B 169 13.30 -18.21 -15.80
C ALA B 169 13.53 -16.93 -16.60
N GLU B 170 12.58 -16.60 -17.47
CA GLU B 170 12.74 -15.45 -18.37
C GLU B 170 12.74 -14.13 -17.61
N LEU B 171 11.82 -14.00 -16.65
CA LEU B 171 11.77 -12.79 -15.84
C LEU B 171 13.08 -12.64 -15.09
N GLN B 172 13.57 -13.73 -14.50
CA GLN B 172 14.81 -13.67 -13.72
C GLN B 172 15.97 -13.26 -14.64
N GLN B 173 15.98 -13.79 -15.85
CA GLN B 173 17.04 -13.49 -16.81
C GLN B 173 17.02 -12.02 -17.23
N ARG B 174 15.84 -11.49 -17.56
CA ARG B 174 15.73 -10.07 -17.87
C ARG B 174 16.09 -9.20 -16.69
N THR B 175 15.76 -9.66 -15.48
CA THR B 175 15.98 -8.86 -14.27
C THR B 175 17.47 -8.75 -14.03
N GLY B 176 18.17 -9.86 -14.21
CA GLY B 176 19.65 -9.87 -14.10
C GLY B 176 20.34 -8.84 -14.99
N ALA B 177 19.81 -8.66 -16.20
CA ALA B 177 20.34 -7.71 -17.16
C ALA B 177 20.09 -6.28 -16.76
N VAL B 178 18.88 -5.98 -16.27
CA VAL B 178 18.57 -4.62 -15.84
C VAL B 178 19.42 -4.30 -14.62
N TYR B 179 19.58 -5.25 -13.70
CA TYR B 179 20.46 -5.05 -12.55
C TYR B 179 21.87 -4.59 -12.95
N ALA B 180 22.45 -5.27 -13.94
CA ALA B 180 23.79 -4.95 -14.41
C ALA B 180 23.81 -3.55 -15.04
N GLU B 181 22.77 -3.21 -15.79
CA GLU B 181 22.64 -1.88 -16.34
C GLU B 181 22.52 -0.83 -15.21
N LEU B 182 21.73 -1.13 -14.17
CA LEU B 182 21.63 -0.17 -13.05
C LEU B 182 23.01 0.05 -12.43
N ALA B 183 23.75 -1.03 -12.21
CA ALA B 183 25.12 -0.93 -11.72
C ALA B 183 26.02 -0.05 -12.61
N ALA B 184 25.92 -0.26 -13.92
CA ALA B 184 26.72 0.51 -14.88
C ALA B 184 26.40 2.00 -14.81
N GLN B 185 25.11 2.30 -14.65
CA GLN B 185 24.60 3.67 -14.54
C GLN B 185 24.93 4.36 -13.20
N GLY B 186 25.37 3.60 -12.20
CA GLY B 186 25.46 4.11 -10.84
C GLY B 186 24.09 4.53 -10.31
N TRP B 187 23.07 3.72 -10.57
CA TRP B 187 21.70 4.10 -10.21
C TRP B 187 21.57 4.09 -8.71
N GLY B 188 21.19 5.24 -8.14
CA GLY B 188 21.01 5.35 -6.69
C GLY B 188 22.30 5.52 -5.90
N GLY B 189 23.45 5.40 -6.57
CA GLY B 189 24.76 5.51 -5.92
C GLY B 189 25.76 4.54 -6.52
N ARG B 190 26.88 4.34 -5.83
CA ARG B 190 27.93 3.46 -6.33
C ARG B 190 27.49 2.02 -6.18
N TRP B 191 27.92 1.19 -7.13
CA TRP B 191 27.67 -0.25 -7.11
C TRP B 191 28.98 -1.03 -7.17
N LEU B 192 28.95 -2.26 -6.64
CA LEU B 192 29.98 -3.26 -6.91
C LEU B 192 29.27 -4.44 -7.54
N VAL B 193 29.96 -5.18 -8.38
CA VAL B 193 29.42 -6.34 -9.05
C VAL B 193 30.36 -7.48 -8.75
N VAL B 194 29.87 -8.49 -8.04
CA VAL B 194 30.65 -9.67 -7.62
C VAL B 194 29.95 -10.97 -8.03
N GLY B 195 30.74 -12.04 -8.14
CA GLY B 195 30.19 -13.39 -8.30
C GLY B 195 29.96 -14.06 -6.95
N ALA B 196 29.25 -15.19 -6.96
CA ALA B 196 28.86 -15.94 -5.75
C ALA B 196 30.00 -16.12 -4.77
N ASP B 197 31.12 -16.66 -5.23
CA ASP B 197 32.20 -17.05 -4.33
C ASP B 197 33.13 -15.88 -4.06
N VAL B 198 32.60 -14.88 -3.38
CA VAL B 198 33.35 -13.71 -3.00
C VAL B 198 34.36 -14.07 -1.94
N ASP B 199 35.42 -13.27 -1.90
CA ASP B 199 36.33 -13.20 -0.77
C ASP B 199 35.73 -12.16 0.22
N PRO B 200 35.11 -12.61 1.33
CA PRO B 200 34.41 -11.69 2.23
C PRO B 200 35.28 -10.56 2.81
N GLY B 201 36.49 -10.91 3.25
CA GLY B 201 37.39 -9.92 3.82
C GLY B 201 37.85 -8.87 2.82
N ARG B 202 38.14 -9.30 1.60
CA ARG B 202 38.47 -8.39 0.52
C ARG B 202 37.29 -7.47 0.20
N LEU B 203 36.08 -8.04 0.17
CA LEU B 203 34.87 -7.27 -0.15
C LEU B 203 34.55 -6.26 0.96
N ALA B 204 34.65 -6.70 2.22
CA ALA B 204 34.54 -5.79 3.36
C ALA B 204 35.57 -4.66 3.28
N ALA B 205 36.81 -4.97 2.94
CA ALA B 205 37.85 -3.96 2.83
C ALA B 205 37.54 -2.93 1.74
N THR B 206 37.12 -3.41 0.56
CA THR B 206 36.73 -2.52 -0.52
C THR B 206 35.63 -1.55 -0.08
N LEU B 207 34.64 -2.08 0.64
CA LEU B 207 33.48 -1.31 1.06
C LEU B 207 33.84 -0.32 2.19
N ALA B 208 34.71 -0.77 3.11
CA ALA B 208 35.05 -0.02 4.33
C ALA B 208 35.23 1.48 4.13
N PRO B 209 34.63 2.30 5.03
CA PRO B 209 34.49 3.76 4.95
C PRO B 209 35.57 4.49 4.14
#